data_3H1T
#
_entry.id   3H1T
#
_cell.length_a   71.244
_cell.length_b   88.780
_cell.length_c   114.227
_cell.angle_alpha   90.00
_cell.angle_beta   90.00
_cell.angle_gamma   90.00
#
_symmetry.space_group_name_H-M   'P 21 21 21'
#
loop_
_entity.id
_entity.type
_entity.pdbx_description
1 polymer 'Type I site-specific restriction-modification system, R (Restriction) subunit'
2 water water
#
_entity_poly.entity_id   1
_entity_poly.type   'polypeptide(L)'
_entity_poly.pdbx_seq_one_letter_code
;MRWISGLDLVAHQMTARKKNS(MSE)ALNEADTCRVYVTPKLKESGWENNPSAITEQYTFTDGRVQFKGSKVQRGEQKRA
DYLLKYTRDFPIAVVEAKPENSPVGQG(MSE)QQAKDYAEILGLKFAYSTNGHEILEFDYTTGEEQLLSRFPTPDELFKR
LCGDEGIKDEDLDTLLSPYHHVSGYSPRYYQQIAINRAVQSVLQGKKRSLIT(MSE)ATGTGKTVVAFQISWKLWSARWN
RTGDYRKPRILFLADRNVLVDDPKDKTFTPFGDARHKIEGGKVVKSREIYFAIYQSIASDERRPGLYKEFPQDFFDLIII
DECHRGSARDNSNWREILEYFEPAFQIG(MSE)TATPLREDNRDTYRYFGNPIYTYSLRQGIDDGFLAPYRVHRVISEVD
AAGWRPSKGDVDRFGREIPDGEYQTKDFERVIALKARTDAFAKHLTDF(MSE)KRTDRFAKTIVFCVDQEHADE(MSE)R
RALNNLNSDLSRKHPDYVARVTSEEGKIGKGHLSRFQELETSTPVILTTSQLLTTGVDAPTCKNVVLARVVNS(MSE)SE
FKQIVGRGTRLREDYGKLWFNIIDYTGSATQNFADPDFDGYPEIEDEVVIDEDGEEVV
;
_entity_poly.pdbx_strand_id   A
#
# COMPACT_ATOMS: atom_id res chain seq x y z
N SER A 21 -39.93 21.22 14.19
CA SER A 21 -40.70 21.57 12.93
C SER A 21 -40.26 22.90 12.36
N MSE A 22 -39.60 23.70 13.20
CA MSE A 22 -39.08 25.00 12.78
C MSE A 22 -37.59 24.67 12.63
O MSE A 22 -36.84 25.35 11.91
CB MSE A 22 -39.30 26.05 13.88
CG MSE A 22 -40.53 26.96 13.72
SE MSE A 22 -40.76 27.84 11.98
CE MSE A 22 -41.88 26.45 11.24
N ALA A 23 -37.21 23.59 13.31
CA ALA A 23 -35.85 23.09 13.35
C ALA A 23 -35.31 22.79 11.95
N LEU A 24 -34.06 23.16 11.74
CA LEU A 24 -33.40 22.96 10.45
C LEU A 24 -32.66 21.64 10.31
N ASN A 25 -32.80 21.09 9.11
CA ASN A 25 -32.18 19.85 8.62
C ASN A 25 -30.68 19.98 8.83
N GLU A 26 -29.95 18.87 8.76
CA GLU A 26 -28.51 18.99 8.89
C GLU A 26 -28.12 19.73 7.63
N ALA A 27 -28.74 19.34 6.53
CA ALA A 27 -28.49 19.93 5.24
C ALA A 27 -28.92 21.39 5.22
N ASP A 28 -30.06 21.67 5.85
CA ASP A 28 -30.54 23.05 5.89
C ASP A 28 -29.63 23.95 6.71
N THR A 29 -29.09 23.44 7.82
CA THR A 29 -28.21 24.29 8.62
C THR A 29 -26.85 24.50 7.99
N CYS A 30 -26.44 23.60 7.11
CA CYS A 30 -25.16 23.78 6.44
C CYS A 30 -25.34 24.87 5.40
N ARG A 31 -26.50 24.89 4.77
CA ARG A 31 -26.79 25.89 3.75
C ARG A 31 -26.98 27.26 4.38
N VAL A 32 -27.73 27.31 5.47
CA VAL A 32 -28.01 28.57 6.14
C VAL A 32 -26.89 29.08 7.07
N TYR A 33 -26.22 28.18 7.80
CA TYR A 33 -25.14 28.65 8.69
C TYR A 33 -23.71 28.24 8.36
N VAL A 34 -23.47 26.94 8.29
CA VAL A 34 -22.13 26.43 8.08
C VAL A 34 -21.40 26.93 6.83
N THR A 35 -21.95 26.69 5.64
CA THR A 35 -21.29 27.15 4.43
C THR A 35 -21.07 28.67 4.41
N PRO A 36 -22.09 29.44 4.80
CA PRO A 36 -21.84 30.88 4.78
C PRO A 36 -20.69 31.29 5.71
N LYS A 37 -20.65 30.71 6.91
CA LYS A 37 -19.59 31.03 7.86
C LYS A 37 -18.22 30.59 7.34
N LEU A 38 -18.18 29.50 6.58
CA LEU A 38 -16.90 29.05 6.05
C LEU A 38 -16.41 30.05 4.98
N LYS A 39 -17.34 30.53 4.14
CA LYS A 39 -17.00 31.50 3.11
C LYS A 39 -16.61 32.84 3.74
N GLU A 40 -17.35 33.24 4.76
CA GLU A 40 -17.04 34.47 5.45
C GLU A 40 -15.59 34.43 5.99
N SER A 41 -15.08 33.23 6.27
CA SER A 41 -13.73 33.11 6.78
C SER A 41 -12.67 32.91 5.70
N GLY A 42 -13.08 33.07 4.44
CA GLY A 42 -12.14 32.98 3.33
C GLY A 42 -11.72 31.65 2.77
N TRP A 43 -12.49 30.59 3.03
CA TRP A 43 -12.13 29.25 2.55
C TRP A 43 -12.48 28.99 1.09
N GLU A 44 -13.07 30.00 0.44
CA GLU A 44 -13.45 29.87 -0.96
C GLU A 44 -12.68 30.84 -1.86
N ASN A 45 -11.72 31.55 -1.27
CA ASN A 45 -10.88 32.51 -1.97
C ASN A 45 -9.60 31.79 -2.39
N ASN A 46 -9.38 31.68 -3.69
CA ASN A 46 -8.22 30.99 -4.25
C ASN A 46 -6.89 31.40 -3.60
N PRO A 47 -5.96 30.44 -3.42
CA PRO A 47 -6.05 29.01 -3.76
C PRO A 47 -6.83 28.09 -2.82
N SER A 48 -7.31 28.61 -1.70
CA SER A 48 -8.06 27.76 -0.77
C SER A 48 -9.38 27.30 -1.36
N ALA A 49 -9.92 26.20 -0.83
CA ALA A 49 -11.21 25.68 -1.30
C ALA A 49 -11.96 24.94 -0.21
N ILE A 50 -13.23 24.66 -0.50
CA ILE A 50 -14.11 23.91 0.40
C ILE A 50 -14.67 22.80 -0.45
N THR A 51 -14.61 21.58 0.05
CA THR A 51 -15.20 20.48 -0.68
C THR A 51 -16.15 19.76 0.27
N GLU A 52 -17.43 19.99 0.03
CA GLU A 52 -18.48 19.39 0.82
C GLU A 52 -18.63 17.94 0.44
N GLN A 53 -19.00 17.13 1.41
CA GLN A 53 -19.18 15.72 1.18
C GLN A 53 -17.94 15.16 0.47
N TYR A 54 -16.80 15.23 1.14
CA TYR A 54 -15.55 14.73 0.60
C TYR A 54 -15.57 13.20 0.73
N THR A 55 -15.67 12.50 -0.38
CA THR A 55 -15.68 11.04 -0.38
C THR A 55 -14.25 10.67 -0.73
N PHE A 56 -13.60 9.89 0.12
CA PHE A 56 -12.22 9.54 -0.11
C PHE A 56 -11.92 8.05 -0.01
N THR A 57 -12.95 7.24 0.11
CA THR A 57 -12.80 5.78 0.21
C THR A 57 -13.67 5.12 -0.88
N ASP A 58 -13.42 3.85 -1.18
CA ASP A 58 -14.20 3.17 -2.20
C ASP A 58 -15.21 2.17 -1.68
N GLY A 59 -15.22 1.94 -0.36
CA GLY A 59 -16.18 1.01 0.20
C GLY A 59 -15.60 -0.38 0.42
N ARG A 60 -15.61 -0.83 1.66
CA ARG A 60 -15.08 -2.14 1.96
C ARG A 60 -15.85 -3.22 1.21
N VAL A 61 -15.12 -4.12 0.56
CA VAL A 61 -15.75 -5.23 -0.14
C VAL A 61 -16.30 -6.12 0.96
N GLN A 62 -17.62 -6.28 0.98
CA GLN A 62 -18.30 -7.08 1.98
C GLN A 62 -19.05 -8.25 1.38
N PHE A 63 -19.66 -9.05 2.24
CA PHE A 63 -20.45 -10.19 1.81
C PHE A 63 -21.79 -10.20 2.53
N LYS A 64 -22.81 -10.69 1.85
CA LYS A 64 -24.15 -10.74 2.43
C LYS A 64 -24.78 -11.99 1.86
N GLY A 65 -25.13 -12.95 2.72
CA GLY A 65 -25.69 -14.19 2.22
C GLY A 65 -24.59 -14.82 1.39
N SER A 66 -24.93 -15.31 0.22
CA SER A 66 -23.95 -15.92 -0.66
C SER A 66 -23.45 -14.87 -1.66
N LYS A 67 -23.85 -13.62 -1.48
CA LYS A 67 -23.48 -12.56 -2.43
C LYS A 67 -22.57 -11.42 -1.93
N VAL A 68 -21.77 -10.86 -2.83
CA VAL A 68 -20.81 -9.81 -2.48
C VAL A 68 -21.13 -8.38 -2.91
N GLN A 69 -20.63 -7.41 -2.14
CA GLN A 69 -20.84 -5.98 -2.42
C GLN A 69 -19.91 -5.09 -1.60
N ARG A 70 -19.90 -3.80 -1.91
CA ARG A 70 -19.11 -2.82 -1.18
C ARG A 70 -20.12 -2.17 -0.24
N GLY A 71 -19.75 -1.87 1.00
CA GLY A 71 -20.66 -1.15 1.86
C GLY A 71 -19.85 0.11 2.00
N GLU A 72 -19.63 0.55 3.23
CA GLU A 72 -18.73 1.66 3.51
C GLU A 72 -18.87 2.96 2.68
N GLN A 73 -17.74 3.46 2.17
CA GLN A 73 -17.62 4.72 1.40
C GLN A 73 -17.50 5.88 2.38
N LYS A 74 -16.28 6.12 2.89
CA LYS A 74 -16.06 7.17 3.87
C LYS A 74 -16.18 8.58 3.30
N ARG A 75 -16.84 9.47 4.04
CA ARG A 75 -17.12 10.81 3.59
C ARG A 75 -17.12 11.80 4.76
N ALA A 76 -16.52 12.97 4.54
CA ALA A 76 -16.49 14.01 5.56
C ALA A 76 -17.39 15.15 5.10
N ASP A 77 -18.16 15.73 6.01
CA ASP A 77 -19.06 16.82 5.63
C ASP A 77 -18.32 17.91 4.85
N TYR A 78 -17.21 18.39 5.39
CA TYR A 78 -16.42 19.40 4.72
C TYR A 78 -14.94 19.14 4.89
N LEU A 79 -14.18 19.45 3.86
CA LEU A 79 -12.76 19.30 3.87
C LEU A 79 -12.31 20.71 3.53
N LEU A 80 -11.42 21.28 4.35
CA LEU A 80 -10.95 22.63 4.09
C LEU A 80 -9.55 22.55 3.53
N LYS A 81 -9.38 22.95 2.28
CA LYS A 81 -8.06 22.89 1.66
C LYS A 81 -7.40 24.25 1.65
N TYR A 82 -6.18 24.31 2.17
CA TYR A 82 -5.45 25.57 2.17
C TYR A 82 -5.14 25.90 0.72
N THR A 83 -4.72 24.85 0.02
CA THR A 83 -4.37 24.90 -1.38
C THR A 83 -5.08 23.72 -2.04
N ARG A 84 -5.06 23.68 -3.36
CA ARG A 84 -5.73 22.62 -4.10
C ARG A 84 -5.13 21.29 -3.69
N ASP A 85 -3.80 21.23 -3.66
CA ASP A 85 -3.07 20.02 -3.30
C ASP A 85 -2.64 20.02 -1.86
N PHE A 86 -3.32 20.81 -1.02
CA PHE A 86 -2.94 20.87 0.39
C PHE A 86 -4.11 21.00 1.38
N PRO A 87 -4.74 19.88 1.72
CA PRO A 87 -5.85 19.87 2.67
C PRO A 87 -5.32 20.28 4.06
N ILE A 88 -6.15 20.90 4.89
CA ILE A 88 -5.66 21.31 6.18
C ILE A 88 -6.61 21.12 7.37
N ALA A 89 -7.91 21.06 7.14
CA ALA A 89 -8.87 20.85 8.22
C ALA A 89 -10.12 20.09 7.81
N VAL A 90 -10.92 19.69 8.79
CA VAL A 90 -12.13 18.95 8.50
C VAL A 90 -13.28 19.36 9.43
N VAL A 91 -14.50 19.32 8.92
CA VAL A 91 -15.66 19.71 9.70
C VAL A 91 -16.78 18.69 9.76
N GLU A 92 -17.35 18.50 10.95
CA GLU A 92 -18.47 17.59 11.11
C GLU A 92 -19.65 18.51 11.41
N ALA A 93 -20.67 18.49 10.56
CA ALA A 93 -21.83 19.35 10.79
C ALA A 93 -22.94 18.53 11.38
N LYS A 94 -23.83 19.18 12.10
CA LYS A 94 -24.96 18.51 12.72
C LYS A 94 -26.12 19.50 12.63
N PRO A 95 -27.37 19.01 12.76
CA PRO A 95 -28.50 19.93 12.70
C PRO A 95 -28.45 21.01 13.80
N GLU A 96 -28.95 22.22 13.53
CA GLU A 96 -28.90 23.29 14.53
C GLU A 96 -29.44 22.95 15.92
N ASN A 97 -30.43 22.09 15.99
CA ASN A 97 -31.02 21.69 17.27
C ASN A 97 -30.18 20.78 18.16
N SER A 98 -29.11 20.21 17.62
CA SER A 98 -28.27 19.32 18.40
C SER A 98 -27.00 19.98 18.96
N PRO A 99 -26.53 19.51 20.13
CA PRO A 99 -25.34 20.01 20.81
C PRO A 99 -24.05 19.89 19.97
N VAL A 100 -23.16 20.88 20.02
CA VAL A 100 -21.92 20.83 19.24
C VAL A 100 -20.96 19.72 19.61
N GLY A 101 -20.70 19.54 20.90
CA GLY A 101 -19.78 18.52 21.35
C GLY A 101 -20.07 17.12 20.83
N GLN A 102 -21.20 16.95 20.16
CA GLN A 102 -21.60 15.65 19.64
C GLN A 102 -20.67 15.16 18.55
N GLY A 103 -20.50 15.96 17.50
CA GLY A 103 -19.64 15.58 16.39
C GLY A 103 -18.13 15.71 16.62
N MSE A 104 -17.70 16.04 17.83
CA MSE A 104 -16.28 16.22 18.08
C MSE A 104 -15.41 14.99 17.86
O MSE A 104 -14.43 15.05 17.12
CB MSE A 104 -16.03 16.76 19.49
CG MSE A 104 -14.60 17.30 19.69
SE MSE A 104 -14.24 18.95 18.70
CE MSE A 104 -13.82 18.24 16.94
N GLN A 105 -15.75 13.87 18.49
CA GLN A 105 -14.94 12.68 18.32
C GLN A 105 -15.01 12.17 16.88
N GLN A 106 -16.15 12.35 16.22
CA GLN A 106 -16.27 11.94 14.82
C GLN A 106 -15.36 12.79 13.92
N ALA A 107 -15.31 14.08 14.21
CA ALA A 107 -14.48 15.00 13.44
C ALA A 107 -13.01 14.72 13.70
N LYS A 108 -12.67 14.42 14.95
CA LYS A 108 -11.30 14.11 15.33
C LYS A 108 -10.84 12.83 14.61
N ASP A 109 -11.77 11.89 14.48
CA ASP A 109 -11.48 10.61 13.82
C ASP A 109 -11.14 10.80 12.35
N TYR A 110 -11.80 11.76 11.68
CA TYR A 110 -11.55 12.02 10.26
C TYR A 110 -10.23 12.76 10.10
N ALA A 111 -9.93 13.60 11.08
CA ALA A 111 -8.71 14.37 11.07
C ALA A 111 -7.55 13.41 11.16
N GLU A 112 -7.65 12.50 12.12
CA GLU A 112 -6.62 11.49 12.32
C GLU A 112 -6.47 10.60 11.07
N ILE A 113 -7.58 10.21 10.45
CA ILE A 113 -7.49 9.37 9.25
C ILE A 113 -6.91 10.11 8.02
N LEU A 114 -7.27 11.37 7.87
CA LEU A 114 -6.81 12.19 6.75
C LEU A 114 -5.49 12.90 7.03
N GLY A 115 -4.92 12.68 8.21
CA GLY A 115 -3.67 13.33 8.55
C GLY A 115 -3.74 14.83 8.76
N LEU A 116 -4.84 15.32 9.29
CA LEU A 116 -5.02 16.76 9.50
C LEU A 116 -4.80 17.13 10.95
N LYS A 117 -4.44 18.39 11.17
CA LYS A 117 -4.16 18.92 12.51
C LYS A 117 -5.28 19.80 13.06
N PHE A 118 -6.36 19.98 12.31
CA PHE A 118 -7.46 20.81 12.79
C PHE A 118 -8.81 20.14 12.57
N ALA A 119 -9.61 20.07 13.62
CA ALA A 119 -10.92 19.44 13.50
C ALA A 119 -12.02 20.30 14.08
N TYR A 120 -13.17 20.34 13.41
CA TYR A 120 -14.30 21.15 13.86
C TYR A 120 -15.62 20.43 13.91
N SER A 121 -16.40 20.75 14.92
CA SER A 121 -17.71 20.20 15.04
C SER A 121 -18.59 21.45 15.12
N THR A 122 -19.69 21.47 14.37
CA THR A 122 -20.54 22.63 14.38
C THR A 122 -21.99 22.26 14.18
N ASN A 123 -22.87 23.09 14.71
CA ASN A 123 -24.31 22.90 14.56
C ASN A 123 -24.89 24.15 13.95
N GLY A 124 -24.06 24.90 13.23
CA GLY A 124 -24.52 26.13 12.61
C GLY A 124 -24.23 27.36 13.46
N HIS A 125 -24.86 27.46 14.62
CA HIS A 125 -24.60 28.62 15.45
C HIS A 125 -23.35 28.49 16.31
N GLU A 126 -22.99 27.27 16.66
CA GLU A 126 -21.79 27.07 17.48
C GLU A 126 -20.69 26.34 16.71
N ILE A 127 -19.45 26.58 17.14
CA ILE A 127 -18.30 25.95 16.50
C ILE A 127 -17.35 25.44 17.57
N LEU A 128 -17.03 24.15 17.52
CA LEU A 128 -16.13 23.55 18.49
C LEU A 128 -14.87 23.11 17.77
N GLU A 129 -13.71 23.56 18.24
CA GLU A 129 -12.45 23.21 17.59
C GLU A 129 -11.52 22.34 18.44
N PHE A 130 -10.90 21.34 17.82
CA PHE A 130 -9.91 20.57 18.52
C PHE A 130 -8.66 20.81 17.69
N ASP A 131 -7.65 21.39 18.32
CA ASP A 131 -6.43 21.71 17.61
C ASP A 131 -5.34 20.73 18.05
N TYR A 132 -4.89 19.89 17.12
CA TYR A 132 -3.85 18.93 17.45
C TYR A 132 -2.51 19.57 17.79
N THR A 133 -2.28 20.80 17.31
CA THR A 133 -1.01 21.46 17.58
C THR A 133 -0.93 21.97 19.03
N THR A 134 -2.07 22.15 19.69
CA THR A 134 -2.05 22.59 21.09
C THR A 134 -2.75 21.60 22.01
N GLY A 135 -3.61 20.76 21.45
CA GLY A 135 -4.31 19.80 22.26
C GLY A 135 -5.49 20.42 22.99
N GLU A 136 -5.79 21.68 22.69
CA GLU A 136 -6.90 22.41 23.32
C GLU A 136 -8.21 22.24 22.55
N GLU A 137 -9.32 22.08 23.26
CA GLU A 137 -10.62 21.96 22.63
C GLU A 137 -11.44 23.14 23.09
N GLN A 138 -11.96 23.93 22.15
CA GLN A 138 -12.72 25.10 22.55
C GLN A 138 -13.71 25.63 21.52
N LEU A 139 -14.68 26.39 22.01
CA LEU A 139 -15.68 27.02 21.16
C LEU A 139 -15.09 28.28 20.54
N LEU A 140 -15.38 28.53 19.27
CA LEU A 140 -14.88 29.71 18.59
C LEU A 140 -16.05 30.58 18.19
N SER A 141 -15.78 31.86 17.98
CA SER A 141 -16.82 32.80 17.56
C SER A 141 -16.96 32.74 16.05
N ARG A 142 -16.05 32.00 15.42
CA ARG A 142 -16.05 31.84 13.98
C ARG A 142 -14.93 30.89 13.54
N PHE A 143 -14.99 30.45 12.29
CA PHE A 143 -13.97 29.57 11.73
C PHE A 143 -12.67 30.29 11.48
N PRO A 144 -11.53 29.62 11.73
CA PRO A 144 -10.24 30.25 11.47
C PRO A 144 -10.13 30.44 9.96
N THR A 145 -9.22 31.33 9.54
CA THR A 145 -9.05 31.57 8.12
C THR A 145 -7.95 30.65 7.61
N PRO A 146 -7.92 30.40 6.29
CA PRO A 146 -6.88 29.54 5.73
C PRO A 146 -5.48 29.95 6.20
N ASP A 147 -5.24 31.25 6.19
CA ASP A 147 -3.95 31.80 6.59
C ASP A 147 -3.64 31.54 8.07
N GLU A 148 -4.64 31.72 8.94
CA GLU A 148 -4.44 31.50 10.37
C GLU A 148 -4.03 30.04 10.63
N LEU A 149 -4.77 29.09 10.05
CA LEU A 149 -4.43 27.68 10.25
C LEU A 149 -3.07 27.28 9.70
N PHE A 150 -2.75 27.75 8.49
CA PHE A 150 -1.47 27.43 7.85
C PHE A 150 -0.31 28.02 8.67
N LYS A 151 -0.55 29.17 9.30
CA LYS A 151 0.49 29.79 10.13
C LYS A 151 0.67 28.94 11.38
N ARG A 152 -0.43 28.34 11.86
CA ARG A 152 -0.38 27.48 13.03
C ARG A 152 0.32 26.17 12.65
N LEU A 153 0.00 25.66 11.46
CA LEU A 153 0.56 24.42 10.97
C LEU A 153 2.07 24.52 10.79
N CYS A 154 2.53 25.60 10.16
CA CYS A 154 3.97 25.78 9.93
C CYS A 154 4.72 26.05 11.21
N GLY A 155 4.07 26.73 12.15
CA GLY A 155 4.71 27.05 13.42
C GLY A 155 5.03 25.82 14.26
N ASP A 156 4.06 24.93 14.38
CA ASP A 156 4.20 23.72 15.15
C ASP A 156 5.14 22.71 14.48
N GLU A 157 5.12 22.71 13.15
CA GLU A 157 5.96 21.81 12.35
C GLU A 157 7.35 22.42 12.07
N GLY A 158 7.55 23.69 12.38
CA GLY A 158 8.85 24.31 12.17
C GLY A 158 9.33 24.37 10.74
N ILE A 159 8.63 25.14 9.92
CA ILE A 159 9.02 25.28 8.52
C ILE A 159 9.27 26.75 8.23
N LYS A 160 10.51 27.04 7.87
CA LYS A 160 10.98 28.40 7.57
C LYS A 160 10.24 29.00 6.40
N ASP A 161 10.21 30.32 6.30
CA ASP A 161 9.52 30.98 5.21
C ASP A 161 10.09 30.60 3.84
N GLU A 162 11.39 30.40 3.78
CA GLU A 162 12.06 30.02 2.53
C GLU A 162 11.54 28.69 2.00
N ASP A 163 11.05 27.82 2.88
CA ASP A 163 10.59 26.51 2.45
C ASP A 163 9.09 26.40 2.22
N LEU A 164 8.36 27.50 2.35
CA LEU A 164 6.92 27.47 2.13
C LEU A 164 6.52 27.09 0.71
N ASP A 165 7.32 27.49 -0.28
CA ASP A 165 6.96 27.18 -1.66
C ASP A 165 7.25 25.74 -2.03
N THR A 166 8.09 25.08 -1.26
CA THR A 166 8.36 23.69 -1.55
C THR A 166 7.23 22.92 -0.90
N LEU A 167 6.89 23.30 0.33
CA LEU A 167 5.81 22.64 1.05
C LEU A 167 4.52 22.67 0.26
N LEU A 168 4.30 23.75 -0.48
CA LEU A 168 3.07 23.89 -1.27
C LEU A 168 3.25 23.59 -2.75
N SER A 169 4.46 23.19 -3.15
CA SER A 169 4.73 22.86 -4.55
C SER A 169 3.66 21.89 -5.04
N PRO A 170 2.95 22.23 -6.14
CA PRO A 170 1.88 21.42 -6.75
C PRO A 170 2.24 20.01 -7.16
N TYR A 171 1.27 19.10 -7.04
CA TYR A 171 1.46 17.73 -7.47
C TYR A 171 1.45 17.83 -8.98
N HIS A 172 1.70 16.70 -9.62
CA HIS A 172 1.66 16.65 -11.05
C HIS A 172 0.30 15.96 -11.27
N HIS A 173 -0.64 16.64 -11.92
CA HIS A 173 -1.97 16.07 -12.09
C HIS A 173 -2.50 15.58 -13.43
N VAL A 174 -3.62 14.86 -13.32
CA VAL A 174 -4.37 14.28 -14.44
C VAL A 174 -3.54 13.39 -15.34
N PRO A 179 -3.81 11.59 -6.60
CA PRO A 179 -3.42 10.65 -5.56
C PRO A 179 -4.40 10.55 -4.41
N ARG A 180 -4.67 9.32 -3.99
CA ARG A 180 -5.59 9.03 -2.90
C ARG A 180 -5.20 9.75 -1.61
N TYR A 181 -6.13 9.81 -0.67
CA TYR A 181 -5.92 10.48 0.61
C TYR A 181 -4.68 10.00 1.36
N TYR A 182 -4.43 8.69 1.42
CA TYR A 182 -3.27 8.20 2.15
C TYR A 182 -1.94 8.46 1.44
N GLN A 183 -1.97 8.49 0.11
CA GLN A 183 -0.74 8.77 -0.64
C GLN A 183 -0.32 10.21 -0.38
N GLN A 184 -1.33 11.07 -0.24
CA GLN A 184 -1.08 12.47 0.04
C GLN A 184 -0.47 12.64 1.43
N ILE A 185 -0.94 11.85 2.42
CA ILE A 185 -0.40 11.93 3.77
C ILE A 185 1.07 11.58 3.67
N ALA A 186 1.34 10.45 3.03
CA ALA A 186 2.70 9.99 2.85
C ALA A 186 3.57 11.05 2.19
N ILE A 187 3.12 11.54 1.04
CA ILE A 187 3.86 12.54 0.30
C ILE A 187 4.18 13.80 1.10
N ASN A 188 3.17 14.38 1.74
CA ASN A 188 3.35 15.60 2.52
C ASN A 188 4.25 15.45 3.74
N ARG A 189 4.16 14.31 4.43
CA ARG A 189 5.00 14.11 5.62
C ARG A 189 6.45 13.89 5.24
N ALA A 190 6.67 13.37 4.03
CA ALA A 190 8.01 13.13 3.54
C ALA A 190 8.64 14.47 3.22
N VAL A 191 7.94 15.27 2.44
CA VAL A 191 8.39 16.60 2.04
C VAL A 191 8.62 17.46 3.27
N GLN A 192 7.73 17.30 4.24
CA GLN A 192 7.78 18.03 5.51
C GLN A 192 9.03 17.60 6.27
N SER A 193 9.23 16.29 6.36
CA SER A 193 10.39 15.72 7.04
C SER A 193 11.69 16.31 6.50
N VAL A 194 11.83 16.32 5.18
CA VAL A 194 13.01 16.84 4.51
C VAL A 194 13.19 18.32 4.83
N LEU A 195 12.11 19.07 4.80
CA LEU A 195 12.20 20.49 5.10
C LEU A 195 12.63 20.75 6.54
N GLN A 196 12.41 19.79 7.44
CA GLN A 196 12.76 19.94 8.85
C GLN A 196 14.20 19.45 9.12
N GLY A 197 14.83 18.92 8.08
CA GLY A 197 16.19 18.44 8.22
C GLY A 197 16.35 17.02 8.71
N LYS A 198 15.34 16.18 8.51
CA LYS A 198 15.41 14.77 8.90
C LYS A 198 16.06 14.06 7.73
N LYS A 199 17.34 13.74 7.87
CA LYS A 199 18.09 13.07 6.83
C LYS A 199 17.80 11.58 6.69
N ARG A 200 16.79 11.06 7.37
CA ARG A 200 16.54 9.63 7.30
C ARG A 200 15.07 9.33 7.68
N SER A 201 14.19 9.08 6.71
CA SER A 201 12.77 8.80 7.01
C SER A 201 12.22 7.48 6.46
N LEU A 202 11.27 6.89 7.17
CA LEU A 202 10.66 5.64 6.72
C LEU A 202 9.14 5.74 6.48
N ILE A 203 8.67 5.04 5.45
CA ILE A 203 7.26 5.00 5.10
C ILE A 203 6.88 3.54 4.91
N THR A 204 5.83 3.09 5.58
CA THR A 204 5.37 1.72 5.45
C THR A 204 4.03 1.72 4.74
N MSE A 205 3.96 1.02 3.62
CA MSE A 205 2.73 0.93 2.84
C MSE A 205 2.56 -0.50 2.37
O MSE A 205 3.49 -1.10 1.83
CB MSE A 205 2.79 1.87 1.64
CG MSE A 205 2.67 3.37 1.94
SE MSE A 205 2.85 4.46 0.32
CE MSE A 205 1.02 4.43 -0.26
N ALA A 206 1.37 -1.06 2.57
CA ALA A 206 1.09 -2.42 2.13
C ALA A 206 1.30 -2.50 0.62
N THR A 207 1.81 -3.63 0.16
CA THR A 207 2.05 -3.82 -1.26
C THR A 207 0.78 -3.60 -2.09
N GLY A 208 0.92 -2.87 -3.19
CA GLY A 208 -0.22 -2.61 -4.04
C GLY A 208 -1.01 -1.38 -3.66
N THR A 209 -0.42 -0.49 -2.89
CA THR A 209 -1.13 0.71 -2.49
C THR A 209 -0.62 2.01 -3.13
N GLY A 210 0.44 1.92 -3.93
CA GLY A 210 0.95 3.11 -4.61
C GLY A 210 2.25 3.72 -4.14
N LYS A 211 3.19 2.91 -3.70
CA LYS A 211 4.47 3.41 -3.24
C LYS A 211 5.16 4.25 -4.32
N THR A 212 4.98 3.85 -5.58
CA THR A 212 5.59 4.58 -6.69
C THR A 212 4.92 5.93 -6.95
N VAL A 213 3.62 6.03 -6.71
CA VAL A 213 2.90 7.28 -6.90
C VAL A 213 3.46 8.30 -5.89
N VAL A 214 3.70 7.82 -4.68
CA VAL A 214 4.27 8.63 -3.61
C VAL A 214 5.72 9.02 -3.96
N ALA A 215 6.52 8.03 -4.35
CA ALA A 215 7.92 8.27 -4.71
C ALA A 215 8.01 9.36 -5.77
N PHE A 216 7.15 9.29 -6.78
CA PHE A 216 7.11 10.26 -7.87
C PHE A 216 6.70 11.68 -7.44
N GLN A 217 5.61 11.79 -6.67
CA GLN A 217 5.17 13.12 -6.25
C GLN A 217 6.09 13.83 -5.27
N ILE A 218 6.84 13.08 -4.47
CA ILE A 218 7.78 13.71 -3.54
C ILE A 218 8.86 14.35 -4.42
N SER A 219 9.37 13.56 -5.36
CA SER A 219 10.40 14.01 -6.30
C SER A 219 9.92 15.22 -7.08
N TRP A 220 8.72 15.15 -7.64
CA TRP A 220 8.21 16.26 -8.41
C TRP A 220 8.09 17.51 -7.53
N LYS A 221 7.46 17.39 -6.37
CA LYS A 221 7.29 18.53 -5.48
C LYS A 221 8.63 19.24 -5.20
N LEU A 222 9.62 18.48 -4.71
CA LEU A 222 10.92 19.05 -4.41
C LEU A 222 11.71 19.50 -5.64
N TRP A 223 11.60 18.77 -6.75
CA TRP A 223 12.33 19.11 -7.97
C TRP A 223 11.86 20.43 -8.56
N SER A 224 10.61 20.46 -9.00
CA SER A 224 10.03 21.64 -9.60
C SER A 224 10.18 22.88 -8.72
N ALA A 225 10.30 22.69 -7.40
CA ALA A 225 10.42 23.79 -6.46
C ALA A 225 11.85 24.29 -6.30
N ARG A 226 12.78 23.62 -6.96
CA ARG A 226 14.20 23.97 -6.91
C ARG A 226 14.75 23.78 -5.50
N TRP A 227 14.25 22.77 -4.77
CA TRP A 227 14.72 22.48 -3.42
C TRP A 227 16.03 21.70 -3.50
N ASN A 228 16.88 21.84 -2.49
CA ASN A 228 18.12 21.09 -2.45
C ASN A 228 18.86 21.27 -1.13
N ARG A 229 19.82 20.41 -0.90
CA ARG A 229 20.64 20.42 0.32
C ARG A 229 21.36 21.74 0.65
N THR A 230 21.93 22.36 -0.37
CA THR A 230 22.69 23.59 -0.15
C THR A 230 21.85 24.87 -0.10
N GLY A 231 20.74 24.86 -0.82
CA GLY A 231 19.84 26.01 -0.78
C GLY A 231 20.06 27.11 -1.81
N ASP A 232 20.65 26.78 -2.95
CA ASP A 232 20.81 27.78 -3.98
C ASP A 232 19.64 27.56 -4.94
N TYR A 233 19.80 27.95 -6.20
CA TYR A 233 18.72 27.78 -7.16
C TYR A 233 18.72 26.47 -7.95
N ARG A 234 19.84 25.75 -7.95
CA ARG A 234 19.93 24.48 -8.70
C ARG A 234 18.81 23.48 -8.42
N LYS A 235 18.47 22.70 -9.45
CA LYS A 235 17.49 21.64 -9.31
C LYS A 235 18.16 20.61 -8.39
N PRO A 236 17.36 19.78 -7.74
CA PRO A 236 17.97 18.78 -6.86
C PRO A 236 18.38 17.54 -7.67
N ARG A 237 19.26 16.72 -7.12
CA ARG A 237 19.65 15.51 -7.83
C ARG A 237 19.04 14.40 -6.99
N ILE A 238 18.27 13.51 -7.64
CA ILE A 238 17.54 12.45 -6.97
C ILE A 238 17.79 11.07 -7.55
N LEU A 239 18.10 10.11 -6.68
CA LEU A 239 18.34 8.72 -7.08
C LEU A 239 17.24 7.78 -6.57
N PHE A 240 16.56 7.09 -7.47
CA PHE A 240 15.52 6.14 -7.10
C PHE A 240 16.15 4.76 -7.27
N LEU A 241 16.12 3.93 -6.22
CA LEU A 241 16.69 2.60 -6.24
C LEU A 241 15.61 1.56 -5.97
N ALA A 242 15.56 0.52 -6.78
CA ALA A 242 14.60 -0.54 -6.60
C ALA A 242 15.30 -1.78 -7.13
N ASP A 243 14.51 -2.78 -7.52
CA ASP A 243 15.05 -3.99 -8.13
C ASP A 243 13.98 -4.60 -9.04
N THR A 255 5.60 6.26 -15.44
CA THR A 255 5.03 7.11 -14.39
C THR A 255 5.88 8.37 -14.25
N PHE A 256 7.17 8.25 -14.56
CA PHE A 256 8.09 9.36 -14.44
C PHE A 256 8.32 10.15 -15.72
N THR A 257 7.59 9.83 -16.77
CA THR A 257 7.75 10.53 -18.04
C THR A 257 7.75 12.06 -17.92
N PRO A 258 6.97 12.61 -16.97
CA PRO A 258 6.91 14.06 -16.75
C PRO A 258 8.29 14.71 -16.53
N PHE A 259 9.25 13.88 -16.15
CA PHE A 259 10.61 14.34 -15.89
C PHE A 259 11.45 14.42 -17.16
N GLY A 260 11.32 13.39 -18.00
CA GLY A 260 12.03 13.31 -19.27
C GLY A 260 13.25 14.18 -19.51
N ASP A 261 14.37 13.51 -19.77
CA ASP A 261 15.63 14.14 -20.10
C ASP A 261 16.32 14.71 -18.89
N ALA A 262 15.64 14.63 -17.75
CA ALA A 262 16.22 15.04 -16.48
C ALA A 262 16.53 13.62 -15.98
N ARG A 263 15.79 12.68 -16.58
CA ARG A 263 15.84 11.26 -16.33
C ARG A 263 17.09 10.57 -16.87
N HIS A 264 17.56 9.57 -16.12
CA HIS A 264 18.72 8.79 -16.51
C HIS A 264 18.81 7.47 -15.76
N LYS A 265 18.86 6.37 -16.50
CA LYS A 265 18.99 5.08 -15.85
C LYS A 265 20.48 4.77 -15.85
N ILE A 266 20.97 4.23 -14.75
CA ILE A 266 22.38 3.89 -14.71
C ILE A 266 22.47 2.45 -15.21
N GLU A 267 23.01 2.29 -16.42
CA GLU A 267 23.17 0.98 -17.07
C GLU A 267 24.59 0.71 -17.55
N GLY A 268 24.81 -0.52 -17.99
CA GLY A 268 26.11 -0.94 -18.49
C GLY A 268 27.25 -0.74 -17.50
N VAL A 271 27.11 6.31 -14.69
CA VAL A 271 28.22 6.77 -15.49
C VAL A 271 28.12 8.25 -15.77
N VAL A 272 26.90 8.71 -16.04
CA VAL A 272 26.60 10.09 -16.39
C VAL A 272 26.34 11.04 -15.23
N LYS A 273 27.14 12.10 -15.13
CA LYS A 273 26.98 13.12 -14.08
C LYS A 273 26.38 14.42 -14.59
N SER A 274 25.52 14.35 -15.59
CA SER A 274 24.90 15.56 -16.12
C SER A 274 23.37 15.61 -15.94
N ARG A 275 22.74 14.46 -15.73
CA ARG A 275 21.28 14.41 -15.55
C ARG A 275 20.82 14.87 -14.16
N GLU A 276 19.52 14.77 -13.88
CA GLU A 276 18.96 15.19 -12.59
C GLU A 276 18.19 14.12 -11.82
N ILE A 277 17.41 13.31 -12.53
CA ILE A 277 16.66 12.23 -11.89
C ILE A 277 17.18 10.87 -12.33
N TYR A 278 17.81 10.15 -11.40
CA TYR A 278 18.39 8.84 -11.68
C TYR A 278 17.64 7.61 -11.14
N PHE A 279 17.71 6.51 -11.89
CA PHE A 279 17.09 5.26 -11.51
C PHE A 279 18.19 4.21 -11.56
N ALA A 280 18.14 3.24 -10.66
CA ALA A 280 19.16 2.20 -10.63
C ALA A 280 18.71 0.94 -9.89
N ILE A 281 19.08 -0.21 -10.43
CA ILE A 281 18.76 -1.49 -9.84
C ILE A 281 20.05 -1.92 -9.14
N TYR A 282 19.95 -2.52 -7.97
CA TYR A 282 21.14 -2.94 -7.22
C TYR A 282 22.19 -3.65 -8.10
N GLN A 283 21.75 -4.54 -8.98
CA GLN A 283 22.64 -5.29 -9.86
C GLN A 283 23.49 -4.36 -10.75
N SER A 284 22.95 -3.18 -11.04
CA SER A 284 23.62 -2.21 -11.90
C SER A 284 24.48 -1.20 -11.12
N ILE A 285 24.19 -1.05 -9.84
CA ILE A 285 24.94 -0.11 -9.01
C ILE A 285 25.41 -0.82 -7.74
N PRO A 292 31.39 -2.74 -11.04
CA PRO A 292 31.27 -3.18 -9.65
C PRO A 292 31.49 -2.02 -8.69
N GLY A 293 30.42 -1.54 -8.05
CA GLY A 293 30.53 -0.40 -7.14
C GLY A 293 30.61 0.90 -7.91
N LEU A 294 29.91 0.91 -9.04
CA LEU A 294 29.84 2.02 -9.97
C LEU A 294 29.63 3.39 -9.33
N TYR A 295 28.74 3.46 -8.34
CA TYR A 295 28.42 4.72 -7.68
C TYR A 295 29.60 5.56 -7.22
N LYS A 296 30.73 4.93 -6.91
CA LYS A 296 31.86 5.71 -6.42
C LYS A 296 32.38 6.68 -7.50
N GLU A 297 31.85 6.56 -8.72
CA GLU A 297 32.26 7.46 -9.81
C GLU A 297 31.54 8.81 -9.56
N PHE A 298 30.48 8.76 -8.74
CA PHE A 298 29.75 9.97 -8.38
C PHE A 298 30.29 10.34 -7.03
N PRO A 299 30.39 11.64 -6.74
CA PRO A 299 30.90 12.00 -5.42
C PRO A 299 29.86 11.76 -4.30
N GLN A 300 30.31 11.78 -3.05
CA GLN A 300 29.41 11.55 -1.91
C GLN A 300 28.23 12.50 -1.95
N ASP A 301 28.53 13.79 -2.04
CA ASP A 301 27.52 14.83 -2.06
C ASP A 301 26.92 15.12 -3.42
N PHE A 302 26.85 14.10 -4.26
CA PHE A 302 26.26 14.30 -5.59
C PHE A 302 24.77 14.56 -5.39
N PHE A 303 24.03 13.54 -4.96
CA PHE A 303 22.57 13.60 -4.75
C PHE A 303 22.10 14.42 -3.55
N ASP A 304 20.92 15.00 -3.69
CA ASP A 304 20.32 15.77 -2.59
C ASP A 304 19.34 14.83 -1.88
N LEU A 305 18.85 13.87 -2.66
CA LEU A 305 17.88 12.91 -2.18
C LEU A 305 17.97 11.55 -2.85
N ILE A 306 17.70 10.52 -2.06
CA ILE A 306 17.70 9.15 -2.51
C ILE A 306 16.43 8.49 -1.98
N ILE A 307 15.68 7.82 -2.85
CA ILE A 307 14.46 7.13 -2.43
C ILE A 307 14.56 5.64 -2.72
N ILE A 308 14.38 4.82 -1.68
CA ILE A 308 14.48 3.37 -1.83
C ILE A 308 13.13 2.67 -1.94
N ASP A 309 12.96 1.91 -3.01
CA ASP A 309 11.72 1.18 -3.28
C ASP A 309 11.32 0.27 -2.12
N GLU A 310 12.26 -0.55 -1.65
CA GLU A 310 12.04 -1.48 -0.51
C GLU A 310 13.31 -1.59 0.30
N CYS A 311 13.21 -1.23 1.58
CA CYS A 311 14.35 -1.25 2.50
C CYS A 311 14.73 -2.61 3.07
N HIS A 312 13.82 -3.58 3.01
CA HIS A 312 14.14 -4.89 3.55
C HIS A 312 14.26 -5.93 2.43
N TRP A 322 24.37 -2.79 -0.26
CA TRP A 322 23.33 -1.77 -0.26
C TRP A 322 23.51 -0.66 0.79
N ARG A 323 23.63 -1.06 2.07
CA ARG A 323 23.80 -0.08 3.14
C ARG A 323 25.08 0.71 2.83
N GLU A 324 25.93 0.15 1.97
CA GLU A 324 27.17 0.81 1.61
C GLU A 324 26.95 1.98 0.65
N ILE A 325 25.91 1.86 -0.17
CA ILE A 325 25.56 2.92 -1.11
C ILE A 325 25.01 4.05 -0.27
N LEU A 326 24.14 3.66 0.67
CA LEU A 326 23.51 4.60 1.57
C LEU A 326 24.52 5.22 2.51
N GLU A 327 25.35 4.42 3.17
CA GLU A 327 26.34 5.01 4.08
C GLU A 327 27.42 5.74 3.28
N TYR A 328 27.50 5.46 1.98
CA TYR A 328 28.48 6.14 1.14
C TYR A 328 27.86 7.46 0.72
N PHE A 329 26.56 7.45 0.50
CA PHE A 329 25.88 8.65 0.05
C PHE A 329 25.29 9.55 1.11
N GLU A 330 25.93 9.61 2.27
CA GLU A 330 25.50 10.56 3.28
C GLU A 330 26.27 11.74 2.70
N PRO A 331 25.80 12.98 2.90
CA PRO A 331 24.64 13.44 3.67
C PRO A 331 23.41 13.63 2.78
N ALA A 332 23.23 12.78 1.78
CA ALA A 332 22.05 12.94 0.93
C ALA A 332 20.84 12.55 1.75
N PHE A 333 19.76 13.32 1.66
CA PHE A 333 18.55 12.98 2.41
C PHE A 333 18.12 11.62 1.91
N GLN A 334 17.64 10.77 2.81
CA GLN A 334 17.23 9.44 2.43
C GLN A 334 15.82 9.03 2.90
N ILE A 335 14.97 8.64 1.95
CA ILE A 335 13.61 8.21 2.27
C ILE A 335 13.47 6.74 1.94
N GLY A 336 13.20 5.94 2.95
CA GLY A 336 13.03 4.52 2.74
C GLY A 336 11.57 4.12 2.78
N MSE A 337 11.19 3.23 1.88
CA MSE A 337 9.82 2.73 1.85
C MSE A 337 9.90 1.23 2.04
O MSE A 337 10.82 0.58 1.52
CB MSE A 337 9.16 3.08 0.52
CG MSE A 337 9.32 4.55 0.11
SE MSE A 337 8.07 5.13 -1.24
CE MSE A 337 8.81 4.24 -2.79
N THR A 338 8.96 0.68 2.80
CA THR A 338 8.93 -0.76 3.06
C THR A 338 7.48 -1.19 3.02
N ALA A 339 7.23 -2.46 2.75
CA ALA A 339 5.85 -2.95 2.68
C ALA A 339 5.41 -3.75 3.91
N THR A 340 6.33 -3.99 4.83
CA THR A 340 6.00 -4.74 6.03
C THR A 340 6.32 -3.88 7.25
N PRO A 341 5.49 -3.98 8.32
CA PRO A 341 5.71 -3.19 9.54
C PRO A 341 6.81 -3.80 10.41
N LEU A 342 7.20 -3.09 11.46
CA LEU A 342 8.24 -3.57 12.36
C LEU A 342 7.82 -4.88 13.00
N ARG A 343 8.56 -5.96 12.68
CA ARG A 343 8.28 -7.28 13.24
C ARG A 343 9.61 -7.92 13.62
N GLU A 344 9.68 -9.25 13.69
CA GLU A 344 10.93 -9.91 14.10
C GLU A 344 12.12 -9.96 13.14
N ASP A 345 11.86 -10.10 11.84
CA ASP A 345 12.93 -10.17 10.85
C ASP A 345 13.29 -8.78 10.33
N ASN A 346 12.44 -7.82 10.67
CA ASN A 346 12.48 -6.42 10.25
C ASN A 346 13.29 -5.32 10.97
N ARG A 347 13.60 -5.53 12.25
CA ARG A 347 14.30 -4.52 13.07
C ARG A 347 15.43 -3.63 12.53
N ASP A 348 16.41 -4.20 11.80
CA ASP A 348 17.49 -3.35 11.30
C ASP A 348 16.99 -2.22 10.39
N THR A 349 15.90 -2.46 9.67
CA THR A 349 15.37 -1.43 8.82
C THR A 349 14.81 -0.28 9.64
N TYR A 350 14.06 -0.61 10.68
CA TYR A 350 13.47 0.42 11.53
C TYR A 350 14.50 1.08 12.43
N ARG A 351 15.67 0.45 12.54
CA ARG A 351 16.77 0.99 13.35
C ARG A 351 17.55 2.01 12.51
N TYR A 352 17.77 1.69 11.25
CA TYR A 352 18.50 2.60 10.37
C TYR A 352 17.67 3.81 9.97
N PHE A 353 16.43 3.60 9.52
CA PHE A 353 15.58 4.72 9.10
C PHE A 353 14.74 5.30 10.22
N GLY A 354 14.59 4.58 11.31
CA GLY A 354 13.78 5.08 12.42
C GLY A 354 12.33 4.72 12.26
N ASN A 355 11.48 5.19 13.18
CA ASN A 355 10.08 4.88 13.09
C ASN A 355 9.41 5.58 11.92
N PRO A 356 8.49 4.88 11.25
CA PRO A 356 7.75 5.38 10.09
C PRO A 356 7.03 6.70 10.32
N ILE A 357 7.03 7.57 9.31
CA ILE A 357 6.35 8.85 9.40
C ILE A 357 4.86 8.65 9.07
N TYR A 358 4.58 7.49 8.49
CA TYR A 358 3.23 7.10 8.13
C TYR A 358 3.18 5.60 7.81
N THR A 359 2.06 4.98 8.16
CA THR A 359 1.83 3.57 7.91
C THR A 359 0.44 3.37 7.31
N TYR A 360 0.39 2.74 6.14
CA TYR A 360 -0.90 2.42 5.50
C TYR A 360 -0.90 0.90 5.43
N SER A 361 -1.64 0.26 6.34
CA SER A 361 -1.69 -1.20 6.41
C SER A 361 -2.58 -1.90 5.40
N LEU A 362 -2.54 -3.22 5.46
CA LEU A 362 -3.37 -4.06 4.61
C LEU A 362 -4.78 -3.91 5.16
N ARG A 363 -4.84 -3.84 6.48
CA ARG A 363 -6.08 -3.68 7.22
C ARG A 363 -6.82 -2.42 6.76
N GLN A 364 -6.12 -1.29 6.70
CA GLN A 364 -6.75 -0.04 6.27
C GLN A 364 -7.12 -0.12 4.79
N GLY A 365 -6.22 -0.65 3.97
CA GLY A 365 -6.51 -0.79 2.56
C GLY A 365 -7.78 -1.59 2.31
N ILE A 366 -7.93 -2.73 2.98
CA ILE A 366 -9.13 -3.52 2.78
C ILE A 366 -10.35 -2.73 3.26
N ASP A 367 -10.22 -2.07 4.40
CA ASP A 367 -11.34 -1.30 4.91
C ASP A 367 -11.71 -0.13 4.01
N ASP A 368 -10.76 0.39 3.26
CA ASP A 368 -11.05 1.53 2.40
C ASP A 368 -11.54 1.09 1.02
N GLY A 369 -11.52 -0.22 0.78
CA GLY A 369 -11.94 -0.74 -0.51
C GLY A 369 -10.86 -0.62 -1.57
N PHE A 370 -9.61 -0.47 -1.15
CA PHE A 370 -8.49 -0.33 -2.06
C PHE A 370 -7.63 -1.57 -2.22
N LEU A 371 -7.82 -2.53 -1.33
CA LEU A 371 -7.10 -3.79 -1.40
C LEU A 371 -8.16 -4.85 -1.20
N ALA A 372 -7.88 -6.08 -1.65
CA ALA A 372 -8.86 -7.15 -1.56
C ALA A 372 -8.90 -8.00 -0.30
N PRO A 373 -10.09 -8.36 0.17
CA PRO A 373 -10.24 -9.19 1.37
C PRO A 373 -9.92 -10.67 1.04
N TYR A 374 -9.76 -11.53 2.03
CA TYR A 374 -9.40 -12.92 1.75
C TYR A 374 -10.00 -13.97 2.66
N ARG A 375 -10.05 -15.20 2.16
CA ARG A 375 -10.52 -16.35 2.93
C ARG A 375 -9.35 -17.27 3.16
N VAL A 376 -9.22 -17.82 4.37
CA VAL A 376 -8.14 -18.74 4.62
C VAL A 376 -8.70 -20.16 4.73
N HIS A 377 -8.06 -21.09 4.02
CA HIS A 377 -8.44 -22.50 4.05
C HIS A 377 -7.17 -23.19 4.46
N ARG A 378 -7.07 -23.53 5.74
CA ARG A 378 -5.93 -24.21 6.30
C ARG A 378 -6.17 -25.70 6.04
N VAL A 379 -5.18 -26.40 5.50
CA VAL A 379 -5.32 -27.81 5.23
C VAL A 379 -4.23 -28.59 5.93
N ILE A 380 -4.61 -29.43 6.89
CA ILE A 380 -3.61 -30.21 7.59
C ILE A 380 -3.73 -31.69 7.25
N SER A 381 -2.57 -32.34 7.20
CA SER A 381 -2.51 -33.77 6.89
C SER A 381 -2.93 -34.58 8.13
N GLU A 382 -3.76 -35.59 7.91
CA GLU A 382 -4.27 -36.45 8.99
C GLU A 382 -3.24 -36.94 9.99
N VAL A 383 -2.07 -37.35 9.51
CA VAL A 383 -1.07 -37.87 10.43
C VAL A 383 -0.90 -36.94 11.62
N ASP A 384 -1.15 -35.65 11.41
CA ASP A 384 -1.08 -34.73 12.52
C ASP A 384 -2.51 -34.34 12.85
N ALA A 385 -3.01 -34.86 13.96
CA ALA A 385 -4.37 -34.55 14.41
C ALA A 385 -4.40 -34.63 15.93
N THR A 409 8.04 -31.08 16.61
CA THR A 409 8.41 -29.84 15.95
C THR A 409 9.82 -29.89 15.35
N LYS A 410 9.95 -29.42 14.12
CA LYS A 410 11.24 -29.39 13.44
C LYS A 410 11.24 -28.39 12.29
N ASP A 411 12.17 -28.51 11.35
CA ASP A 411 12.23 -27.54 10.27
C ASP A 411 12.72 -28.14 8.95
N PHE A 412 13.68 -29.04 9.04
CA PHE A 412 14.23 -29.69 7.85
C PHE A 412 13.34 -30.86 7.45
N GLU A 413 12.58 -31.38 8.42
CA GLU A 413 11.65 -32.49 8.15
C GLU A 413 10.37 -31.86 7.61
N ARG A 414 10.24 -30.57 7.86
CA ARG A 414 9.10 -29.81 7.42
C ARG A 414 9.04 -29.87 5.91
N VAL A 415 10.18 -29.62 5.28
CA VAL A 415 10.25 -29.63 3.84
C VAL A 415 10.18 -31.06 3.33
N ILE A 416 10.65 -32.02 4.14
CA ILE A 416 10.57 -33.41 3.73
C ILE A 416 9.11 -33.76 3.50
N ALA A 417 8.31 -33.54 4.53
CA ALA A 417 6.88 -33.82 4.48
C ALA A 417 6.19 -33.08 3.35
N LEU A 418 6.58 -31.83 3.13
CA LEU A 418 5.97 -31.03 2.08
C LEU A 418 6.21 -31.59 0.68
N LYS A 419 7.43 -32.03 0.42
CA LYS A 419 7.73 -32.59 -0.89
C LYS A 419 7.18 -34.01 -1.07
N ALA A 420 7.05 -34.73 0.03
CA ALA A 420 6.52 -36.09 -0.01
C ALA A 420 5.01 -36.08 -0.23
N ARG A 421 4.37 -34.94 -0.01
CA ARG A 421 2.93 -34.86 -0.18
C ARG A 421 2.45 -34.07 -1.39
N THR A 422 3.38 -33.79 -2.30
CA THR A 422 3.06 -33.04 -3.48
C THR A 422 1.81 -33.51 -4.20
N ASP A 423 1.60 -34.82 -4.29
CA ASP A 423 0.43 -35.32 -4.98
C ASP A 423 -0.85 -35.15 -4.18
N ALA A 424 -0.76 -35.14 -2.86
CA ALA A 424 -1.97 -34.95 -2.05
C ALA A 424 -2.49 -33.54 -2.24
N PHE A 425 -1.56 -32.59 -2.15
CA PHE A 425 -1.86 -31.18 -2.30
C PHE A 425 -2.43 -30.89 -3.68
N ALA A 426 -1.81 -31.50 -4.70
CA ALA A 426 -2.28 -31.29 -6.07
C ALA A 426 -3.68 -31.85 -6.24
N LYS A 427 -3.97 -32.98 -5.62
CA LYS A 427 -5.30 -33.56 -5.76
C LYS A 427 -6.30 -32.65 -5.06
N HIS A 428 -5.97 -32.26 -3.83
CA HIS A 428 -6.86 -31.38 -3.08
C HIS A 428 -7.10 -30.02 -3.74
N LEU A 429 -6.05 -29.44 -4.32
CA LEU A 429 -6.18 -28.14 -5.00
C LEU A 429 -7.08 -28.28 -6.24
N THR A 430 -6.91 -29.38 -6.96
CA THR A 430 -7.68 -29.64 -8.17
C THR A 430 -9.16 -29.82 -7.88
N ASP A 431 -9.48 -30.57 -6.84
CA ASP A 431 -10.88 -30.79 -6.45
C ASP A 431 -11.48 -29.47 -6.02
N PHE A 432 -10.69 -28.70 -5.26
CA PHE A 432 -11.14 -27.39 -4.79
C PHE A 432 -11.49 -26.55 -6.00
N MSE A 433 -10.55 -26.40 -6.93
CA MSE A 433 -10.80 -25.60 -8.12
C MSE A 433 -11.97 -26.14 -8.97
O MSE A 433 -12.67 -25.35 -9.62
CB MSE A 433 -9.52 -25.52 -8.96
CG MSE A 433 -8.42 -24.75 -8.25
SE MSE A 433 -6.79 -24.45 -9.28
CE MSE A 433 -7.49 -23.15 -10.55
N LYS A 434 -12.17 -27.45 -8.97
CA LYS A 434 -13.26 -28.04 -9.74
C LYS A 434 -14.60 -27.63 -9.13
N ARG A 435 -14.63 -27.47 -7.81
CA ARG A 435 -15.88 -27.07 -7.17
C ARG A 435 -16.03 -25.56 -7.10
N THR A 436 -15.03 -24.79 -7.56
CA THR A 436 -15.13 -23.34 -7.50
C THR A 436 -14.99 -22.60 -8.83
N ASP A 437 -13.83 -22.70 -9.46
CA ASP A 437 -13.58 -22.04 -10.75
C ASP A 437 -12.26 -22.59 -11.31
N ARG A 438 -12.36 -23.49 -12.28
CA ARG A 438 -11.18 -24.09 -12.89
C ARG A 438 -10.26 -23.13 -13.62
N PHE A 439 -10.75 -21.92 -13.89
CA PHE A 439 -9.92 -20.94 -14.57
C PHE A 439 -9.54 -19.74 -13.71
N ALA A 440 -9.69 -19.88 -12.40
CA ALA A 440 -9.32 -18.81 -11.48
C ALA A 440 -7.79 -18.83 -11.44
N LYS A 441 -7.14 -17.72 -11.79
CA LYS A 441 -5.69 -17.69 -11.80
C LYS A 441 -5.13 -17.94 -10.41
N THR A 442 -4.20 -18.90 -10.36
CA THR A 442 -3.60 -19.37 -9.11
C THR A 442 -2.07 -19.42 -9.12
N ILE A 443 -1.45 -19.17 -7.97
CA ILE A 443 0.00 -19.22 -7.83
C ILE A 443 0.33 -20.17 -6.69
N VAL A 444 1.20 -21.15 -6.91
CA VAL A 444 1.54 -22.09 -5.86
C VAL A 444 3.01 -21.97 -5.47
N PHE A 445 3.23 -21.61 -4.21
CA PHE A 445 4.58 -21.42 -3.72
C PHE A 445 5.16 -22.70 -3.13
N CYS A 446 6.11 -23.30 -3.86
CA CYS A 446 6.72 -24.55 -3.44
C CYS A 446 8.06 -24.38 -2.74
N VAL A 447 8.59 -25.48 -2.23
CA VAL A 447 9.86 -25.51 -1.50
C VAL A 447 11.09 -25.10 -2.31
N ASP A 448 11.29 -25.69 -3.48
CA ASP A 448 12.41 -25.31 -4.34
C ASP A 448 11.97 -25.47 -5.79
N GLN A 449 12.85 -25.12 -6.73
CA GLN A 449 12.51 -25.24 -8.14
C GLN A 449 12.15 -26.67 -8.50
N GLU A 450 12.82 -27.64 -7.88
CA GLU A 450 12.52 -29.04 -8.18
C GLU A 450 11.08 -29.33 -7.77
N HIS A 451 10.69 -28.84 -6.60
CA HIS A 451 9.33 -29.03 -6.08
C HIS A 451 8.28 -28.41 -7.02
N ALA A 452 8.59 -27.22 -7.51
CA ALA A 452 7.70 -26.49 -8.43
C ALA A 452 7.44 -27.28 -9.71
N ASP A 453 8.48 -27.96 -10.22
CA ASP A 453 8.34 -28.76 -11.45
C ASP A 453 7.51 -30.02 -11.23
N GLU A 454 7.65 -30.63 -10.07
CA GLU A 454 6.89 -31.84 -9.78
C GLU A 454 5.45 -31.43 -9.54
N MSE A 455 5.26 -30.28 -8.91
CA MSE A 455 3.92 -29.76 -8.62
C MSE A 455 3.21 -29.46 -9.93
O MSE A 455 2.05 -29.80 -10.13
CB MSE A 455 4.00 -28.49 -7.76
CG MSE A 455 2.65 -27.85 -7.45
SE MSE A 455 1.46 -28.91 -6.31
CE MSE A 455 2.38 -28.67 -4.65
N ARG A 456 3.94 -28.83 -10.85
CA ARG A 456 3.40 -28.49 -12.16
C ARG A 456 2.96 -29.73 -12.94
N ARG A 457 3.82 -30.74 -12.98
CA ARG A 457 3.52 -31.99 -13.70
C ARG A 457 2.32 -32.68 -13.11
N ALA A 458 2.27 -32.78 -11.79
CA ALA A 458 1.15 -33.43 -11.14
C ALA A 458 -0.15 -32.72 -11.46
N LEU A 459 -0.18 -31.43 -11.19
CA LEU A 459 -1.36 -30.60 -11.41
C LEU A 459 -1.79 -30.71 -12.89
N ASN A 460 -0.82 -30.77 -13.80
CA ASN A 460 -1.11 -30.87 -15.24
C ASN A 460 -1.87 -32.14 -15.55
N ASN A 461 -1.34 -33.26 -15.09
CA ASN A 461 -1.98 -34.55 -15.33
C ASN A 461 -3.33 -34.69 -14.63
N LEU A 462 -3.51 -34.02 -13.50
CA LEU A 462 -4.78 -34.06 -12.78
C LEU A 462 -5.82 -33.27 -13.57
N ASN A 463 -5.36 -32.36 -14.41
CA ASN A 463 -6.25 -31.52 -15.21
C ASN A 463 -5.97 -31.68 -16.70
N SER A 464 -5.59 -32.89 -17.09
CA SER A 464 -5.26 -33.20 -18.48
C SER A 464 -6.41 -32.99 -19.44
N ASP A 465 -7.63 -32.89 -18.92
CA ASP A 465 -8.75 -32.62 -19.79
C ASP A 465 -8.62 -31.18 -20.24
N LEU A 466 -8.04 -30.33 -19.39
CA LEU A 466 -7.86 -28.94 -19.78
C LEU A 466 -6.51 -28.76 -20.47
N SER A 467 -5.52 -29.56 -20.06
CA SER A 467 -4.18 -29.52 -20.63
C SER A 467 -4.23 -29.78 -22.13
N ARG A 468 -5.12 -30.70 -22.52
CA ARG A 468 -5.30 -31.08 -23.91
C ARG A 468 -5.95 -29.98 -24.73
N LYS A 469 -6.49 -28.97 -24.05
CA LYS A 469 -7.12 -27.86 -24.75
C LYS A 469 -6.22 -26.64 -24.65
N HIS A 470 -5.59 -26.49 -23.49
CA HIS A 470 -4.69 -25.39 -23.20
C HIS A 470 -3.36 -25.99 -22.69
N PRO A 471 -2.38 -26.21 -23.58
CA PRO A 471 -1.09 -26.78 -23.18
C PRO A 471 -0.39 -26.06 -22.03
N ASP A 472 -0.72 -24.78 -21.83
CA ASP A 472 -0.06 -24.03 -20.78
C ASP A 472 -0.96 -23.73 -19.60
N TYR A 473 -1.85 -24.68 -19.29
CA TYR A 473 -2.78 -24.54 -18.17
C TYR A 473 -2.00 -24.32 -16.88
N VAL A 474 -0.95 -25.13 -16.68
CA VAL A 474 -0.09 -24.97 -15.52
C VAL A 474 1.26 -24.65 -16.10
N ALA A 475 2.01 -23.83 -15.40
CA ALA A 475 3.33 -23.48 -15.89
C ALA A 475 4.19 -23.15 -14.70
N ARG A 476 5.47 -23.45 -14.82
CA ARG A 476 6.41 -23.17 -13.78
C ARG A 476 7.21 -21.91 -14.12
N VAL A 477 7.31 -20.99 -13.16
CA VAL A 477 8.08 -19.77 -13.33
C VAL A 477 9.17 -19.80 -12.28
N THR A 478 10.36 -20.14 -12.72
CA THR A 478 11.50 -20.25 -11.83
C THR A 478 12.72 -19.73 -12.56
N SER A 479 13.84 -19.59 -11.84
CA SER A 479 15.06 -19.10 -12.47
C SER A 479 15.53 -20.03 -13.58
N GLU A 480 15.38 -21.34 -13.34
CA GLU A 480 15.78 -22.35 -14.31
C GLU A 480 15.03 -22.27 -15.64
N GLU A 481 13.77 -21.85 -15.57
CA GLU A 481 12.94 -21.74 -16.76
C GLU A 481 13.22 -20.51 -17.64
N GLY A 482 14.21 -19.71 -17.27
CA GLY A 482 14.56 -18.53 -18.04
C GLY A 482 13.56 -17.75 -18.86
N LYS A 483 13.89 -17.50 -20.13
CA LYS A 483 13.04 -16.74 -21.04
C LYS A 483 11.69 -17.37 -21.28
N ILE A 484 11.62 -18.69 -21.25
CA ILE A 484 10.36 -19.40 -21.46
C ILE A 484 9.50 -19.10 -20.23
N GLY A 485 10.14 -19.09 -19.07
CA GLY A 485 9.45 -18.81 -17.83
C GLY A 485 8.81 -17.42 -17.87
N LYS A 486 9.60 -16.42 -18.27
CA LYS A 486 9.15 -15.05 -18.37
C LYS A 486 7.91 -14.95 -19.27
N GLY A 487 7.91 -15.74 -20.34
CA GLY A 487 6.79 -15.71 -21.27
C GLY A 487 5.49 -16.10 -20.58
N HIS A 488 5.54 -17.19 -19.82
CA HIS A 488 4.37 -17.68 -19.09
C HIS A 488 3.87 -16.68 -18.07
N LEU A 489 4.81 -16.09 -17.34
CA LEU A 489 4.51 -15.11 -16.31
C LEU A 489 3.81 -13.91 -16.94
N SER A 490 4.37 -13.45 -18.04
CA SER A 490 3.86 -12.30 -18.77
C SER A 490 2.39 -12.42 -19.15
N ARG A 491 2.03 -13.56 -19.72
CA ARG A 491 0.66 -13.83 -20.15
C ARG A 491 -0.25 -14.01 -18.94
N PHE A 492 0.29 -14.64 -17.91
CA PHE A 492 -0.46 -14.89 -16.67
C PHE A 492 -0.94 -13.58 -16.04
N GLN A 493 -0.06 -12.59 -16.06
CA GLN A 493 -0.32 -11.28 -15.50
C GLN A 493 -1.37 -10.48 -16.25
N GLU A 494 -1.58 -10.81 -17.52
CA GLU A 494 -2.55 -10.09 -18.33
C GLU A 494 -3.97 -10.37 -17.89
N LEU A 495 -4.76 -9.30 -17.79
CA LEU A 495 -6.16 -9.36 -17.38
C LEU A 495 -7.06 -10.13 -18.33
N GLU A 496 -6.80 -10.00 -19.62
CA GLU A 496 -7.63 -10.62 -20.66
C GLU A 496 -7.28 -12.05 -21.11
N THR A 497 -6.17 -12.61 -20.64
CA THR A 497 -5.77 -13.97 -21.04
C THR A 497 -6.33 -15.02 -20.08
N SER A 498 -6.73 -16.18 -20.58
CA SER A 498 -7.28 -17.21 -19.69
C SER A 498 -6.25 -18.21 -19.15
N THR A 499 -5.09 -18.30 -19.80
CA THR A 499 -4.05 -19.20 -19.34
C THR A 499 -2.65 -18.59 -19.51
N PRO A 500 -1.66 -19.06 -18.73
CA PRO A 500 -1.73 -20.12 -17.71
C PRO A 500 -2.72 -19.78 -16.62
N VAL A 501 -3.26 -20.81 -15.97
CA VAL A 501 -4.18 -20.58 -14.89
C VAL A 501 -3.38 -20.72 -13.58
N ILE A 502 -2.50 -21.71 -13.55
CA ILE A 502 -1.67 -22.00 -12.39
C ILE A 502 -0.19 -21.81 -12.66
N LEU A 503 0.48 -21.04 -11.82
CA LEU A 503 1.92 -20.86 -11.94
C LEU A 503 2.53 -21.47 -10.68
N THR A 504 3.60 -22.23 -10.83
CA THR A 504 4.27 -22.79 -9.67
C THR A 504 5.61 -22.09 -9.63
N THR A 505 6.11 -21.84 -8.42
CA THR A 505 7.38 -21.18 -8.26
C THR A 505 7.87 -21.55 -6.88
N SER A 506 8.99 -20.98 -6.46
CA SER A 506 9.51 -21.24 -5.14
C SER A 506 9.76 -19.88 -4.47
N GLN A 507 10.71 -19.13 -5.00
CA GLN A 507 11.08 -17.83 -4.48
C GLN A 507 10.80 -16.64 -5.42
N LEU A 508 11.21 -16.77 -6.68
CA LEU A 508 11.03 -15.72 -7.68
C LEU A 508 9.73 -14.89 -7.70
N LEU A 509 8.58 -15.53 -7.51
CA LEU A 509 7.34 -14.79 -7.55
C LEU A 509 6.86 -14.22 -6.22
N THR A 510 7.69 -14.30 -5.19
CA THR A 510 7.27 -13.72 -3.92
C THR A 510 7.08 -12.23 -4.18
N THR A 511 8.01 -11.62 -4.91
CA THR A 511 7.91 -10.19 -5.27
C THR A 511 8.00 -10.09 -6.79
N GLY A 512 7.96 -11.23 -7.46
CA GLY A 512 8.05 -11.26 -8.90
C GLY A 512 6.77 -11.02 -9.70
N VAL A 513 5.61 -11.37 -9.15
CA VAL A 513 4.34 -11.22 -9.85
C VAL A 513 3.50 -10.00 -9.57
N ASP A 514 2.93 -9.45 -10.63
CA ASP A 514 2.01 -8.33 -10.52
C ASP A 514 0.85 -8.78 -11.38
N ALA A 515 -0.04 -9.57 -10.79
CA ALA A 515 -1.19 -10.09 -11.51
C ALA A 515 -2.45 -9.80 -10.71
N PRO A 516 -3.16 -8.71 -11.02
CA PRO A 516 -4.38 -8.36 -10.29
C PRO A 516 -5.53 -9.40 -10.27
N THR A 517 -5.73 -10.14 -11.36
CA THR A 517 -6.80 -11.13 -11.36
C THR A 517 -6.44 -12.44 -10.66
N CYS A 518 -5.33 -12.45 -9.91
CA CYS A 518 -4.95 -13.66 -9.18
C CYS A 518 -6.01 -13.88 -8.10
N LYS A 519 -6.64 -15.05 -8.12
CA LYS A 519 -7.70 -15.36 -7.19
C LYS A 519 -7.37 -16.39 -6.11
N ASN A 520 -6.30 -17.17 -6.31
CA ASN A 520 -5.88 -18.17 -5.32
C ASN A 520 -4.40 -18.05 -5.04
N VAL A 521 -4.04 -17.98 -3.77
CA VAL A 521 -2.64 -17.92 -3.37
C VAL A 521 -2.40 -19.19 -2.57
N VAL A 522 -1.55 -20.07 -3.08
CA VAL A 522 -1.31 -21.35 -2.44
C VAL A 522 0.05 -21.58 -1.77
N LEU A 523 0.02 -22.00 -0.52
CA LEU A 523 1.24 -22.26 0.26
C LEU A 523 1.67 -23.73 0.36
N ALA A 524 2.80 -24.06 -0.24
CA ALA A 524 3.30 -25.44 -0.19
C ALA A 524 4.78 -25.37 0.12
N ARG A 525 5.13 -24.48 1.03
CA ARG A 525 6.51 -24.30 1.38
C ARG A 525 6.68 -23.79 2.80
N VAL A 526 7.92 -23.86 3.27
CA VAL A 526 8.27 -23.38 4.57
C VAL A 526 8.55 -21.90 4.41
N VAL A 527 7.72 -21.06 5.02
CA VAL A 527 7.94 -19.63 4.97
C VAL A 527 8.85 -19.36 6.16
N ASN A 528 10.02 -18.79 5.91
CA ASN A 528 10.94 -18.57 7.01
C ASN A 528 10.97 -17.15 7.58
N SER A 529 10.11 -16.27 7.09
CA SER A 529 10.07 -14.91 7.62
C SER A 529 8.74 -14.18 7.41
N MSE A 530 8.46 -13.23 8.29
CA MSE A 530 7.22 -12.45 8.23
C MSE A 530 7.15 -11.62 6.95
O MSE A 530 6.08 -11.48 6.35
CB MSE A 530 7.11 -11.53 9.46
CG MSE A 530 5.90 -10.61 9.48
SE MSE A 530 4.16 -11.50 9.54
CE MSE A 530 4.05 -11.81 11.44
N SER A 531 8.29 -11.05 6.52
CA SER A 531 8.34 -10.25 5.30
C SER A 531 7.95 -11.10 4.10
N GLU A 532 8.46 -12.33 4.05
CA GLU A 532 8.17 -13.25 2.94
C GLU A 532 6.71 -13.64 2.96
N PHE A 533 6.17 -13.89 4.15
CA PHE A 533 4.77 -14.28 4.25
C PHE A 533 3.86 -13.20 3.66
N LYS A 534 4.09 -11.95 4.08
CA LYS A 534 3.29 -10.83 3.60
C LYS A 534 3.44 -10.55 2.11
N GLN A 535 4.59 -10.90 1.55
CA GLN A 535 4.83 -10.72 0.13
C GLN A 535 4.00 -11.76 -0.61
N ILE A 536 3.95 -12.97 -0.07
CA ILE A 536 3.20 -14.05 -0.68
C ILE A 536 1.73 -13.66 -0.67
N VAL A 537 1.22 -13.32 0.51
CA VAL A 537 -0.18 -12.92 0.65
C VAL A 537 -0.54 -11.70 -0.21
N GLY A 538 0.44 -10.82 -0.44
CA GLY A 538 0.21 -9.65 -1.25
C GLY A 538 0.12 -9.93 -2.73
N ARG A 539 0.22 -11.20 -3.11
CA ARG A 539 0.12 -11.55 -4.52
C ARG A 539 -1.33 -11.46 -4.95
N GLY A 540 -2.24 -11.60 -3.97
CA GLY A 540 -3.64 -11.56 -4.30
C GLY A 540 -4.48 -10.40 -3.79
N THR A 541 -3.89 -9.46 -3.07
CA THR A 541 -4.64 -8.35 -2.51
C THR A 541 -5.05 -7.24 -3.47
N ARG A 542 -4.57 -7.30 -4.71
CA ARG A 542 -4.91 -6.28 -5.70
C ARG A 542 -6.37 -6.43 -6.17
N LEU A 543 -7.07 -5.32 -6.33
CA LEU A 543 -8.47 -5.35 -6.78
C LEU A 543 -8.64 -5.10 -8.29
N ARG A 544 -9.63 -5.76 -8.86
CA ARG A 544 -9.94 -5.65 -10.28
C ARG A 544 -11.40 -6.03 -10.48
N GLU A 545 -12.27 -5.25 -9.83
CA GLU A 545 -13.71 -5.42 -9.90
C GLU A 545 -14.08 -5.50 -11.35
N ASP A 546 -13.28 -4.77 -12.13
CA ASP A 546 -13.39 -4.66 -13.57
C ASP A 546 -13.49 -6.06 -14.19
N TYR A 547 -12.58 -6.93 -13.78
CA TYR A 547 -12.48 -8.30 -14.24
C TYR A 547 -12.94 -9.35 -13.21
N GLY A 548 -13.98 -9.02 -12.46
CA GLY A 548 -14.49 -9.96 -11.47
C GLY A 548 -13.56 -10.26 -10.29
N LYS A 549 -12.55 -9.43 -10.09
CA LYS A 549 -11.63 -9.65 -8.98
C LYS A 549 -11.97 -8.76 -7.79
N LEU A 550 -12.61 -9.34 -6.78
CA LEU A 550 -12.98 -8.59 -5.58
C LEU A 550 -12.39 -9.12 -4.27
N TRP A 551 -12.04 -10.40 -4.23
CA TRP A 551 -11.45 -11.01 -3.05
C TRP A 551 -10.65 -12.23 -3.48
N PHE A 552 -9.91 -12.84 -2.55
CA PHE A 552 -9.13 -14.02 -2.91
C PHE A 552 -9.01 -15.05 -1.79
N ASN A 553 -8.53 -16.24 -2.16
CA ASN A 553 -8.35 -17.35 -1.22
C ASN A 553 -6.88 -17.62 -0.95
N ILE A 554 -6.59 -18.02 0.28
CA ILE A 554 -5.25 -18.40 0.67
C ILE A 554 -5.39 -19.84 1.15
N ILE A 555 -4.99 -20.79 0.31
CA ILE A 555 -5.04 -22.20 0.66
C ILE A 555 -3.68 -22.53 1.28
N ASP A 556 -3.69 -22.92 2.55
CA ASP A 556 -2.46 -23.22 3.32
C ASP A 556 -2.24 -24.73 3.56
N TYR A 557 -1.27 -25.32 2.87
CA TYR A 557 -0.95 -26.74 2.99
C TYR A 557 0.17 -27.00 3.98
N THR A 558 0.79 -25.94 4.48
CA THR A 558 1.86 -26.10 5.44
C THR A 558 1.27 -26.50 6.79
N GLY A 559 0.03 -26.12 7.03
CA GLY A 559 -0.62 -26.45 8.28
C GLY A 559 0.00 -25.70 9.43
N SER A 560 0.25 -24.40 9.22
CA SER A 560 0.86 -23.58 10.26
C SER A 560 1.22 -22.16 9.83
N ALA A 561 1.73 -21.98 8.61
CA ALA A 561 2.12 -20.66 8.12
C ALA A 561 1.11 -19.57 8.47
N THR A 562 -0.15 -19.76 8.09
CA THR A 562 -1.18 -18.77 8.37
C THR A 562 -1.45 -18.56 9.87
N GLN A 563 -1.04 -19.50 10.72
CA GLN A 563 -1.25 -19.34 12.16
C GLN A 563 -0.01 -18.68 12.73
N ASN A 564 1.12 -19.16 12.26
CA ASN A 564 2.43 -18.66 12.68
C ASN A 564 2.62 -17.17 12.38
N PHE A 565 2.24 -16.72 11.18
CA PHE A 565 2.42 -15.33 10.79
C PHE A 565 1.15 -14.50 10.87
N ALA A 566 0.18 -14.96 11.67
CA ALA A 566 -1.06 -14.23 11.85
C ALA A 566 -0.71 -12.83 12.37
N ASP A 567 -1.31 -11.81 11.76
CA ASP A 567 -1.01 -10.43 12.14
C ASP A 567 -2.25 -9.56 11.94
N PRO A 568 -3.16 -9.55 12.93
CA PRO A 568 -4.39 -8.78 12.84
C PRO A 568 -4.20 -7.26 12.82
N ASP A 569 -3.14 -6.78 13.47
CA ASP A 569 -2.88 -5.35 13.51
C ASP A 569 -2.61 -4.79 12.13
N PHE A 570 -1.77 -5.46 11.35
CA PHE A 570 -1.46 -5.01 10.01
C PHE A 570 -2.41 -5.58 8.96
N ASP A 571 -2.86 -6.82 9.16
CA ASP A 571 -3.74 -7.45 8.16
C ASP A 571 -5.22 -7.49 8.50
N GLY A 572 -5.58 -7.29 9.76
CA GLY A 572 -6.98 -7.40 10.13
C GLY A 572 -7.25 -8.90 10.14
N TYR A 573 -8.49 -9.32 10.39
CA TYR A 573 -8.83 -10.74 10.39
C TYR A 573 -9.41 -11.13 9.04
N PRO A 574 -9.34 -12.42 8.68
CA PRO A 574 -9.92 -12.75 7.38
C PRO A 574 -11.43 -12.89 7.47
N GLU A 575 -12.11 -12.72 6.34
CA GLU A 575 -13.55 -12.83 6.30
C GLU A 575 -13.94 -14.22 6.80
N ILE A 576 -13.37 -15.24 6.18
CA ILE A 576 -13.64 -16.62 6.58
C ILE A 576 -12.32 -17.30 6.82
N GLU A 577 -12.33 -18.23 7.76
CA GLU A 577 -11.13 -18.97 8.08
C GLU A 577 -11.54 -20.35 8.58
N ASP A 578 -11.20 -21.38 7.80
CA ASP A 578 -11.50 -22.73 8.23
C ASP A 578 -10.31 -23.64 7.99
N GLU A 579 -10.39 -24.82 8.58
CA GLU A 579 -9.34 -25.80 8.53
C GLU A 579 -9.95 -27.15 8.18
N VAL A 580 -9.28 -27.92 7.34
CA VAL A 580 -9.78 -29.24 6.97
C VAL A 580 -8.64 -30.24 7.10
N VAL A 581 -8.99 -31.47 7.48
CA VAL A 581 -8.01 -32.53 7.61
C VAL A 581 -8.02 -33.32 6.32
N ILE A 582 -6.86 -33.75 5.88
CA ILE A 582 -6.79 -34.45 4.61
C ILE A 582 -5.95 -35.72 4.75
N ASP A 583 -6.32 -36.79 4.04
CA ASP A 583 -5.56 -38.05 4.13
C ASP A 583 -4.37 -38.05 3.18
N GLU A 584 -3.63 -39.16 3.15
CA GLU A 584 -2.46 -39.24 2.30
C GLU A 584 -2.72 -39.18 0.80
N ASP A 585 -3.98 -39.16 0.38
CA ASP A 585 -4.30 -39.07 -1.05
C ASP A 585 -4.88 -37.71 -1.41
N GLY A 586 -5.02 -36.85 -0.39
CA GLY A 586 -5.57 -35.53 -0.62
C GLY A 586 -7.09 -35.49 -0.61
N GLU A 587 -7.72 -36.51 -0.01
CA GLU A 587 -9.18 -36.54 0.12
C GLU A 587 -9.41 -36.05 1.55
N GLU A 588 -10.40 -35.20 1.76
CA GLU A 588 -10.64 -34.73 3.13
C GLU A 588 -11.27 -35.85 3.96
N VAL A 589 -11.04 -35.81 5.27
CA VAL A 589 -11.60 -36.80 6.16
C VAL A 589 -12.36 -36.12 7.30
N VAL A 590 -13.30 -36.83 7.91
CA VAL A 590 -14.10 -36.24 8.98
C VAL A 590 -14.29 -37.06 10.25
#